data_4U7G
#
_entry.id   4U7G
#
_cell.length_a   56.24
_cell.length_b   83.17
_cell.length_c   106.65
_cell.angle_alpha   90.0
_cell.angle_beta   90.0
_cell.angle_gamma   90.0
#
_symmetry.space_group_name_H-M   'P 21 21 21'
#
loop_
_entity.id
_entity.type
_entity.pdbx_description
1 polymer 'Ribosyldihydronicotinamide dehydrogenase [quinone]'
2 non-polymer 'ZINC ION'
3 non-polymer 'FLAVIN-ADENINE DINUCLEOTIDE'
4 non-polymer 4,5,6,7-TETRABROMO-BENZIMIDAZOLE
5 water water
#
_entity_poly.entity_id   1
_entity_poly.type   'polypeptide(L)'
_entity_poly.pdbx_seq_one_letter_code
;AGKKVLIVYAHQEPKSFNGSLKNVAVDELSRQGCTVTVSDLYAMNFEPRATDKDITGTLSNPEVFNYGVETHEAYKQRSL
ASDITDEQKKVREADLVIFQFPLYWFSVPAILKGWMDRVLCQGFAFDIPGFYDSGLLQGKLALLSVTTGGTAEMYTKTGV
NGDSRYFLWPLQHGTLHFCGFKVLAPQISFAPEIASEEERKGMVAAWSQRLQTIWKEEPIPCTAHWHFGQ
;
_entity_poly.pdbx_strand_id   A,B
#
# COMPACT_ATOMS: atom_id res chain seq x y z
N ALA A 1 8.25 -34.08 -0.23
CA ALA A 1 7.97 -34.51 1.14
C ALA A 1 7.40 -33.38 2.00
N GLY A 2 8.29 -32.64 2.67
CA GLY A 2 7.88 -31.66 3.68
C GLY A 2 8.19 -30.20 3.38
N LYS A 3 7.24 -29.53 2.74
CA LYS A 3 7.40 -28.12 2.39
C LYS A 3 6.89 -27.20 3.50
N LYS A 4 7.62 -26.12 3.75
CA LYS A 4 7.30 -25.20 4.84
C LYS A 4 6.52 -24.02 4.30
N VAL A 5 5.44 -23.69 5.00
CA VAL A 5 4.53 -22.62 4.59
C VAL A 5 4.41 -21.55 5.66
N LEU A 6 4.57 -20.29 5.26
CA LEU A 6 4.26 -19.16 6.15
C LEU A 6 3.01 -18.48 5.63
N ILE A 7 1.99 -18.34 6.47
CA ILE A 7 0.83 -17.54 6.11
C ILE A 7 0.91 -16.20 6.84
N VAL A 8 1.02 -15.11 6.07
CA VAL A 8 0.97 -13.76 6.64
C VAL A 8 -0.47 -13.27 6.49
N TYR A 9 -1.15 -13.15 7.62
CA TYR A 9 -2.58 -12.97 7.65
C TYR A 9 -2.92 -11.62 8.24
N ALA A 10 -3.81 -10.89 7.57
CA ALA A 10 -4.18 -9.54 7.98
C ALA A 10 -5.68 -9.31 8.01
N HIS A 11 -6.33 -9.77 9.06
CA HIS A 11 -7.73 -9.43 9.30
C HIS A 11 -7.98 -9.34 10.80
N GLN A 12 -8.85 -8.41 11.21
CA GLN A 12 -9.10 -8.15 12.62
C GLN A 12 -9.97 -9.20 13.32
N GLU A 13 -10.72 -9.96 12.53
CA GLU A 13 -11.82 -10.77 13.04
C GLU A 13 -11.67 -12.25 12.69
N PRO A 14 -11.51 -13.10 13.71
CA PRO A 14 -11.36 -14.55 13.53
C PRO A 14 -12.53 -15.17 12.79
N LYS A 15 -13.74 -14.64 12.99
CA LYS A 15 -14.94 -15.19 12.36
C LYS A 15 -15.09 -14.74 10.90
N SER A 16 -14.19 -13.87 10.45
CA SER A 16 -14.33 -13.27 9.12
C SER A 16 -14.11 -14.28 8.00
N PHE A 17 -14.49 -13.86 6.79
CA PHE A 17 -14.31 -14.69 5.63
C PHE A 17 -12.81 -14.89 5.39
N ASN A 18 -12.04 -13.86 5.68
CA ASN A 18 -10.58 -13.98 5.60
C ASN A 18 -10.05 -14.99 6.61
N GLY A 19 -10.58 -14.96 7.83
CA GLY A 19 -10.17 -15.92 8.85
C GLY A 19 -10.43 -17.35 8.42
N SER A 20 -11.55 -17.57 7.73
CA SER A 20 -11.90 -18.92 7.29
C SER A 20 -10.97 -19.40 6.20
N LEU A 21 -10.57 -18.47 5.33
CA LEU A 21 -9.64 -18.82 4.25
C LEU A 21 -8.28 -19.18 4.85
N LYS A 22 -7.91 -18.47 5.90
CA LYS A 22 -6.64 -18.71 6.59
C LYS A 22 -6.70 -20.04 7.30
N ASN A 23 -7.81 -20.29 7.99
CA ASN A 23 -7.99 -21.54 8.72
C ASN A 23 -8.08 -22.79 7.83
N VAL A 24 -8.76 -22.72 6.69
CA VAL A 24 -8.82 -23.88 5.82
C VAL A 24 -7.46 -24.12 5.18
N ALA A 25 -6.67 -23.07 5.00
CA ALA A 25 -5.31 -23.21 4.52
C ALA A 25 -4.44 -23.92 5.56
N VAL A 26 -4.54 -23.51 6.82
CA VAL A 26 -3.83 -24.19 7.90
C VAL A 26 -4.26 -25.65 7.94
N ASP A 27 -5.58 -25.86 7.93
CA ASP A 27 -6.15 -27.21 8.01
C ASP A 27 -5.66 -28.12 6.90
N GLU A 28 -5.73 -27.63 5.66
CA GLU A 28 -5.44 -28.46 4.50
C GLU A 28 -3.94 -28.71 4.34
N LEU A 29 -3.13 -27.67 4.53
CA LEU A 29 -1.68 -27.83 4.45
C LEU A 29 -1.19 -28.70 5.61
N SER A 30 -1.83 -28.56 6.76
CA SER A 30 -1.46 -29.37 7.93
C SER A 30 -1.76 -30.84 7.66
N ARG A 31 -2.94 -31.10 7.08
CA ARG A 31 -3.35 -32.43 6.65
C ARG A 31 -2.35 -33.11 5.71
N GLN A 32 -1.74 -32.33 4.82
CA GLN A 32 -0.77 -32.84 3.86
C GLN A 32 0.54 -33.20 4.52
N GLY A 33 0.70 -32.78 5.77
CA GLY A 33 1.95 -32.97 6.46
C GLY A 33 2.94 -31.81 6.35
N CYS A 34 2.50 -30.68 5.78
CA CYS A 34 3.37 -29.50 5.67
C CYS A 34 3.68 -28.87 7.03
N THR A 35 4.83 -28.21 7.13
CA THR A 35 5.14 -27.36 8.26
C THR A 35 4.48 -26.00 8.05
N VAL A 36 3.62 -25.58 8.98
CA VAL A 36 2.81 -24.36 8.84
C VAL A 36 3.00 -23.36 9.98
N THR A 37 3.22 -22.11 9.61
CA THR A 37 3.37 -21.01 10.56
C THR A 37 2.46 -19.86 10.12
N VAL A 38 1.79 -19.20 11.07
CA VAL A 38 0.91 -18.07 10.78
C VAL A 38 1.39 -16.80 11.50
N SER A 39 1.53 -15.71 10.77
CA SER A 39 1.79 -14.40 11.37
C SER A 39 0.49 -13.65 11.33
N ASP A 40 -0.17 -13.59 12.49
CA ASP A 40 -1.46 -12.94 12.63
C ASP A 40 -1.22 -11.47 13.02
N LEU A 41 -1.01 -10.63 12.01
CA LEU A 41 -0.55 -9.26 12.21
C LEU A 41 -1.38 -8.45 13.20
N TYR A 42 -2.71 -8.47 13.10
CA TYR A 42 -3.50 -7.64 14.01
C TYR A 42 -3.39 -8.16 15.45
N ALA A 43 -3.28 -9.48 15.59
CA ALA A 43 -3.24 -10.10 16.92
C ALA A 43 -1.90 -9.84 17.58
N MET A 44 -0.88 -9.70 16.74
CA MET A 44 0.48 -9.37 17.17
C MET A 44 0.65 -7.86 17.38
N ASN A 45 -0.39 -7.09 17.09
CA ASN A 45 -0.28 -5.63 17.03
C ASN A 45 0.98 -5.22 16.27
N PHE A 46 1.23 -5.87 15.14
CA PHE A 46 2.42 -5.65 14.35
C PHE A 46 2.61 -4.15 13.99
N GLU A 47 3.82 -3.66 14.18
CA GLU A 47 4.15 -2.27 13.91
C GLU A 47 4.34 -2.01 12.41
N PRO A 48 3.47 -1.17 11.81
CA PRO A 48 3.55 -0.86 10.37
C PRO A 48 4.52 0.27 10.01
N ARG A 49 4.85 1.14 10.97
CA ARG A 49 5.64 2.33 10.65
C ARG A 49 7.13 2.04 10.53
N ALA A 50 7.75 2.55 9.47
CA ALA A 50 9.20 2.47 9.33
C ALA A 50 9.86 3.61 10.11
N THR A 51 10.46 3.30 11.26
CA THR A 51 11.09 4.32 12.10
C THR A 51 12.45 3.88 12.59
N ASP A 52 13.16 4.82 13.21
CA ASP A 52 14.49 4.57 13.75
C ASP A 52 14.45 3.61 14.95
N LYS A 53 13.28 3.36 15.50
CA LYS A 53 13.12 2.31 16.50
C LYS A 53 13.35 0.92 15.91
N ASP A 54 13.41 0.83 14.58
CA ASP A 54 13.65 -0.47 13.96
C ASP A 54 15.10 -0.89 14.02
N ILE A 55 15.95 0.02 14.46
CA ILE A 55 17.37 -0.27 14.63
C ILE A 55 17.68 -0.17 16.12
N THR A 56 18.30 -1.23 16.65
CA THR A 56 18.77 -1.21 18.02
C THR A 56 20.23 -0.78 18.01
N GLY A 57 20.70 -0.21 19.11
CA GLY A 57 22.11 0.15 19.22
C GLY A 57 22.49 1.50 18.64
N THR A 58 23.49 1.52 17.76
CA THR A 58 24.02 2.78 17.25
C THR A 58 23.80 2.95 15.75
N LEU A 59 23.14 4.04 15.38
CA LEU A 59 22.81 4.30 13.99
C LEU A 59 24.04 4.60 13.15
N SER A 60 24.00 4.17 11.89
CA SER A 60 25.10 4.39 10.96
C SER A 60 25.32 5.86 10.68
N ASN A 61 24.33 6.68 11.03
CA ASN A 61 24.38 8.12 10.81
C ASN A 61 23.24 8.81 11.55
N PRO A 62 23.43 9.02 12.86
CA PRO A 62 22.42 9.57 13.78
C PRO A 62 22.08 11.05 13.55
N GLU A 63 22.63 11.66 12.51
CA GLU A 63 22.34 13.06 12.24
C GLU A 63 21.23 13.21 11.19
N VAL A 64 21.32 12.38 10.17
CA VAL A 64 20.35 12.35 9.09
C VAL A 64 19.86 10.92 8.95
N PHE A 65 18.60 10.68 9.29
CA PHE A 65 18.05 9.31 9.26
C PHE A 65 17.60 8.87 7.86
N ASN A 66 18.31 7.90 7.32
CA ASN A 66 17.97 7.25 6.06
C ASN A 66 17.53 5.84 6.44
N TYR A 67 16.24 5.56 6.33
CA TYR A 67 15.70 4.28 6.76
C TYR A 67 16.33 3.12 6.01
N GLY A 68 16.42 3.26 4.69
CA GLY A 68 16.88 2.19 3.83
C GLY A 68 18.33 1.83 4.07
N VAL A 69 19.15 2.84 4.35
CA VAL A 69 20.56 2.63 4.55
C VAL A 69 20.76 2.04 5.94
N GLU A 70 20.03 2.57 6.91
CA GLU A 70 20.17 2.17 8.30
C GLU A 70 19.67 0.75 8.54
N THR A 71 18.66 0.32 7.81
CA THR A 71 18.17 -1.04 7.97
C THR A 71 19.03 -2.01 7.20
N HIS A 72 19.63 -1.55 6.10
CA HIS A 72 20.55 -2.39 5.36
C HIS A 72 21.74 -2.72 6.25
N GLU A 73 22.23 -1.71 6.97
CA GLU A 73 23.39 -1.87 7.84
C GLU A 73 23.03 -2.68 9.09
N ALA A 74 21.84 -2.46 9.62
CA ALA A 74 21.39 -3.18 10.82
C ALA A 74 21.20 -4.66 10.51
N TYR A 75 20.79 -4.98 9.28
CA TYR A 75 20.64 -6.38 8.91
C TYR A 75 22.01 -7.06 8.88
N LYS A 76 22.94 -6.45 8.15
CA LYS A 76 24.28 -7.02 7.97
C LYS A 76 25.06 -7.04 9.27
N GLN A 77 24.68 -6.19 10.22
CA GLN A 77 25.32 -6.18 11.53
C GLN A 77 24.42 -6.73 12.62
N ARG A 78 23.39 -7.46 12.22
CA ARG A 78 22.46 -8.10 13.14
C ARG A 78 21.97 -7.18 14.25
N SER A 79 21.53 -5.98 13.87
CA SER A 79 20.98 -5.06 14.86
C SER A 79 19.58 -4.52 14.50
N LEU A 80 18.80 -5.29 13.75
CA LEU A 80 17.38 -4.96 13.54
C LEU A 80 16.54 -5.30 14.77
N ALA A 81 15.44 -4.57 14.95
CA ALA A 81 14.49 -4.83 16.02
C ALA A 81 13.92 -6.26 15.93
N SER A 82 13.56 -6.85 17.07
CA SER A 82 13.28 -8.29 17.08
C SER A 82 11.96 -8.66 16.40
N ASP A 83 10.99 -7.76 16.37
CA ASP A 83 9.76 -8.08 15.65
C ASP A 83 10.08 -8.31 14.16
N ILE A 84 10.99 -7.52 13.62
CA ILE A 84 11.44 -7.71 12.24
C ILE A 84 12.22 -9.02 12.02
N THR A 85 13.20 -9.28 12.86
CA THR A 85 14.03 -10.49 12.67
C THR A 85 13.20 -11.77 12.89
N ASP A 86 12.25 -11.73 13.81
CA ASP A 86 11.32 -12.84 13.97
C ASP A 86 10.64 -13.17 12.65
N GLU A 87 10.18 -12.14 11.94
CA GLU A 87 9.50 -12.38 10.67
C GLU A 87 10.46 -12.87 9.58
N GLN A 88 11.66 -12.30 9.53
CA GLN A 88 12.66 -12.73 8.57
C GLN A 88 13.02 -14.20 8.76
N LYS A 89 13.04 -14.64 10.01
CA LYS A 89 13.30 -16.05 10.31
C LYS A 89 12.20 -16.93 9.71
N LYS A 90 10.96 -16.56 9.97
CA LYS A 90 9.82 -17.28 9.41
C LYS A 90 9.92 -17.32 7.89
N VAL A 91 10.32 -16.20 7.28
CA VAL A 91 10.39 -16.14 5.83
C VAL A 91 11.55 -16.97 5.28
N ARG A 92 12.69 -16.86 5.94
CA ARG A 92 13.87 -17.65 5.57
C ARG A 92 13.54 -19.15 5.59
N GLU A 93 12.76 -19.58 6.57
CA GLU A 93 12.43 -21.01 6.69
C GLU A 93 11.33 -21.50 5.74
N ALA A 94 10.54 -20.58 5.19
CA ALA A 94 9.42 -20.95 4.35
C ALA A 94 9.79 -21.18 2.89
N ASP A 95 9.12 -22.14 2.27
CA ASP A 95 9.26 -22.42 0.85
C ASP A 95 8.12 -21.73 0.10
N LEU A 96 7.03 -21.49 0.80
CA LEU A 96 5.86 -20.82 0.24
C LEU A 96 5.32 -19.80 1.24
N VAL A 97 5.19 -18.54 0.81
CA VAL A 97 4.56 -17.53 1.64
C VAL A 97 3.21 -17.13 1.05
N ILE A 98 2.15 -17.45 1.78
CA ILE A 98 0.80 -17.02 1.45
C ILE A 98 0.40 -15.74 2.22
N PHE A 99 -0.09 -14.74 1.49
CA PHE A 99 -0.63 -13.52 2.09
C PHE A 99 -2.14 -13.55 2.00
N GLN A 100 -2.81 -13.47 3.15
CA GLN A 100 -4.25 -13.53 3.19
C GLN A 100 -4.76 -12.18 3.68
N PHE A 101 -5.50 -11.47 2.85
CA PHE A 101 -5.93 -10.11 3.21
C PHE A 101 -7.15 -9.64 2.42
N PRO A 102 -7.96 -8.78 3.04
CA PRO A 102 -8.98 -8.06 2.27
C PRO A 102 -8.34 -6.93 1.46
N LEU A 103 -8.82 -6.69 0.24
CA LEU A 103 -8.33 -5.58 -0.57
C LEU A 103 -8.73 -4.25 0.09
N TYR A 104 -7.72 -3.41 0.36
CA TYR A 104 -7.90 -2.08 0.92
C TYR A 104 -7.29 -1.08 -0.05
N TRP A 105 -8.12 -0.26 -0.68
CA TRP A 105 -7.66 0.74 -1.65
C TRP A 105 -6.72 0.15 -2.74
N PHE A 106 -7.22 -0.91 -3.39
CA PHE A 106 -6.50 -1.57 -4.48
C PHE A 106 -5.15 -2.09 -4.01
N SER A 107 -5.03 -2.34 -2.71
CA SER A 107 -3.76 -2.80 -2.18
C SER A 107 -3.96 -3.62 -0.90
N VAL A 108 -2.88 -3.80 -0.15
CA VAL A 108 -2.92 -4.47 1.14
C VAL A 108 -3.30 -3.46 2.24
N PRO A 109 -3.94 -3.94 3.31
CA PRO A 109 -4.16 -3.10 4.51
C PRO A 109 -2.84 -2.59 5.02
N ALA A 110 -2.84 -1.41 5.64
CA ALA A 110 -1.59 -0.77 6.03
C ALA A 110 -0.73 -1.64 6.95
N ILE A 111 -1.33 -2.45 7.81
CA ILE A 111 -0.55 -3.25 8.74
C ILE A 111 0.31 -4.25 7.95
N LEU A 112 -0.27 -4.84 6.92
CA LEU A 112 0.47 -5.73 6.04
C LEU A 112 1.43 -4.94 5.13
N LYS A 113 1.10 -3.72 4.78
CA LYS A 113 2.05 -2.94 3.97
C LYS A 113 3.28 -2.72 4.82
N GLY A 114 3.06 -2.47 6.10
CA GLY A 114 4.14 -2.24 7.04
C GLY A 114 5.02 -3.48 7.21
N TRP A 115 4.41 -4.66 7.19
CA TRP A 115 5.18 -5.91 7.17
C TRP A 115 6.13 -5.94 5.95
N MET A 116 5.60 -5.64 4.77
N MET A 116 5.58 -5.64 4.78
CA MET A 116 6.43 -5.62 3.58
CA MET A 116 6.36 -5.57 3.56
C MET A 116 7.53 -4.57 3.71
C MET A 116 7.51 -4.58 3.71
N ASP A 117 7.17 -3.37 4.15
CA ASP A 117 8.14 -2.27 4.28
C ASP A 117 9.29 -2.59 5.21
N ARG A 118 8.96 -3.19 6.36
CA ARG A 118 9.90 -3.39 7.45
C ARG A 118 10.64 -4.75 7.39
N VAL A 119 9.96 -5.80 6.94
CA VAL A 119 10.56 -7.13 6.97
C VAL A 119 11.45 -7.39 5.75
N LEU A 120 11.04 -6.87 4.60
CA LEU A 120 11.77 -7.11 3.35
C LEU A 120 12.82 -6.04 3.13
N CYS A 121 13.81 -6.02 4.00
CA CYS A 121 14.87 -5.01 3.91
C CYS A 121 16.01 -5.45 2.98
N GLN A 122 16.84 -4.49 2.60
CA GLN A 122 18.00 -4.77 1.77
C GLN A 122 19.02 -5.56 2.59
N GLY A 123 19.61 -6.56 1.96
CA GLY A 123 20.46 -7.51 2.64
C GLY A 123 19.68 -8.80 2.80
N PHE A 124 18.40 -8.67 3.14
CA PHE A 124 17.58 -9.84 3.40
C PHE A 124 16.79 -10.30 2.18
N ALA A 125 15.98 -9.40 1.61
CA ALA A 125 15.11 -9.74 0.51
C ALA A 125 15.72 -9.37 -0.85
N PHE A 126 16.58 -8.37 -0.87
CA PHE A 126 17.09 -7.89 -2.16
C PHE A 126 18.44 -7.20 -2.05
N ASP A 127 19.12 -7.11 -3.18
CA ASP A 127 20.40 -6.44 -3.23
C ASP A 127 20.88 -6.12 -4.66
N ILE A 128 22.03 -5.46 -4.71
CA ILE A 128 22.76 -5.31 -5.93
C ILE A 128 23.93 -6.32 -5.81
N PRO A 129 23.86 -7.43 -6.57
CA PRO A 129 22.75 -7.70 -7.48
C PRO A 129 21.74 -8.57 -6.73
N GLY A 130 20.75 -9.08 -7.44
CA GLY A 130 19.73 -9.86 -6.77
C GLY A 130 18.48 -9.03 -6.60
N PHE A 131 17.75 -8.92 -7.71
CA PHE A 131 16.40 -8.42 -7.67
C PHE A 131 15.75 -8.99 -8.91
N TYR A 132 14.42 -8.93 -8.92
CA TYR A 132 13.64 -9.69 -9.87
C TYR A 132 14.17 -11.12 -9.93
N ASP A 133 14.29 -11.71 -11.14
CA ASP A 133 14.65 -13.12 -11.31
C ASP A 133 15.73 -13.64 -10.34
N SER A 134 16.62 -12.74 -9.93
CA SER A 134 17.70 -13.08 -9.01
C SER A 134 17.61 -12.46 -7.59
N GLY A 135 16.43 -11.99 -7.18
CA GLY A 135 16.26 -11.49 -5.82
C GLY A 135 16.57 -12.54 -4.75
N LEU A 136 17.00 -12.08 -3.57
CA LEU A 136 17.54 -12.96 -2.53
C LEU A 136 16.62 -14.05 -2.00
N LEU A 137 15.35 -14.01 -2.36
CA LEU A 137 14.42 -15.03 -1.90
C LEU A 137 14.05 -15.99 -3.00
N GLN A 138 14.89 -16.11 -4.04
CA GLN A 138 14.56 -17.01 -5.15
C GLN A 138 14.61 -18.45 -4.69
N GLY A 139 13.72 -19.27 -5.23
CA GLY A 139 13.52 -20.62 -4.75
C GLY A 139 12.20 -20.69 -3.99
N LYS A 140 11.77 -19.54 -3.47
CA LYS A 140 10.54 -19.48 -2.70
C LYS A 140 9.34 -19.18 -3.61
N LEU A 141 8.17 -19.67 -3.20
CA LEU A 141 6.93 -19.33 -3.86
C LEU A 141 6.21 -18.29 -3.04
N ALA A 142 5.41 -17.47 -3.69
CA ALA A 142 4.55 -16.54 -2.98
C ALA A 142 3.22 -16.51 -3.70
N LEU A 143 2.17 -16.27 -2.93
CA LEU A 143 0.80 -16.31 -3.44
C LEU A 143 -0.04 -15.28 -2.69
N LEU A 144 -0.77 -14.45 -3.44
CA LEU A 144 -1.68 -13.47 -2.85
C LEU A 144 -3.10 -14.04 -2.86
N SER A 145 -3.68 -14.24 -1.68
CA SER A 145 -5.07 -14.65 -1.53
C SER A 145 -5.84 -13.46 -1.02
N VAL A 146 -6.59 -12.83 -1.92
CA VAL A 146 -7.19 -11.55 -1.61
C VAL A 146 -8.70 -11.66 -1.70
N THR A 147 -9.40 -10.97 -0.81
CA THR A 147 -10.84 -10.87 -0.87
C THR A 147 -11.21 -9.42 -1.22
N THR A 148 -12.34 -9.24 -1.88
CA THR A 148 -12.77 -7.93 -2.34
C THR A 148 -14.19 -7.57 -1.93
N GLY A 149 -14.44 -6.27 -1.88
CA GLY A 149 -15.80 -5.75 -1.76
C GLY A 149 -16.50 -5.77 -3.11
N GLY A 150 -15.76 -5.44 -4.16
CA GLY A 150 -16.31 -5.39 -5.51
C GLY A 150 -16.46 -6.73 -6.23
N THR A 151 -17.54 -6.88 -6.98
CA THR A 151 -17.81 -8.10 -7.73
C THR A 151 -16.77 -8.30 -8.82
N ALA A 152 -16.68 -9.52 -9.37
CA ALA A 152 -15.74 -9.80 -10.46
C ALA A 152 -16.01 -8.94 -11.69
N GLU A 153 -17.29 -8.63 -11.91
CA GLU A 153 -17.69 -7.76 -13.02
C GLU A 153 -16.95 -6.43 -12.97
N MET A 154 -16.91 -5.82 -11.79
CA MET A 154 -16.33 -4.50 -11.63
C MET A 154 -14.85 -4.53 -11.95
N TYR A 155 -14.23 -5.71 -11.78
CA TYR A 155 -12.80 -5.87 -12.02
C TYR A 155 -12.51 -6.51 -13.38
N THR A 156 -13.08 -5.90 -14.41
CA THR A 156 -12.75 -6.25 -15.80
C THR A 156 -12.13 -5.03 -16.48
N LYS A 157 -11.48 -5.25 -17.62
CA LYS A 157 -10.80 -4.18 -18.34
C LYS A 157 -11.74 -3.03 -18.73
N THR A 158 -13.02 -3.35 -18.91
CA THR A 158 -14.00 -2.34 -19.24
C THR A 158 -14.82 -1.96 -18.02
N GLY A 159 -14.56 -2.62 -16.90
CA GLY A 159 -15.22 -2.30 -15.65
C GLY A 159 -14.70 -1.02 -15.03
N VAL A 160 -15.46 -0.48 -14.07
CA VAL A 160 -15.09 0.77 -13.43
C VAL A 160 -13.73 0.68 -12.73
N ASN A 161 -13.41 -0.50 -12.21
CA ASN A 161 -12.18 -0.72 -11.42
C ASN A 161 -11.01 -1.20 -12.25
N GLY A 162 -11.26 -1.53 -13.51
CA GLY A 162 -10.21 -2.10 -14.33
C GLY A 162 -9.97 -3.54 -13.94
N ASP A 163 -9.13 -4.23 -14.70
CA ASP A 163 -8.80 -5.63 -14.44
C ASP A 163 -8.12 -5.79 -13.08
N SER A 164 -8.46 -6.84 -12.34
CA SER A 164 -7.79 -7.07 -11.06
C SER A 164 -6.27 -7.21 -11.23
N ARG A 165 -5.81 -7.66 -12.39
CA ARG A 165 -4.37 -7.78 -12.60
C ARG A 165 -3.67 -6.44 -12.54
N TYR A 166 -4.42 -5.36 -12.83
CA TYR A 166 -3.87 -4.01 -12.75
C TYR A 166 -3.39 -3.69 -11.33
N PHE A 167 -4.19 -4.02 -10.32
CA PHE A 167 -3.78 -3.64 -8.95
C PHE A 167 -2.79 -4.65 -8.39
N LEU A 168 -2.71 -5.84 -9.00
CA LEU A 168 -1.74 -6.83 -8.56
C LEU A 168 -0.29 -6.42 -8.79
N TRP A 169 -0.07 -5.59 -9.80
CA TRP A 169 1.27 -5.24 -10.28
C TRP A 169 2.26 -4.78 -9.18
N PRO A 170 1.87 -3.80 -8.35
CA PRO A 170 2.81 -3.38 -7.30
C PRO A 170 3.14 -4.47 -6.27
N LEU A 171 2.19 -5.38 -6.04
CA LEU A 171 2.35 -6.46 -5.07
C LEU A 171 3.14 -7.61 -5.68
N GLN A 172 2.61 -8.18 -6.75
CA GLN A 172 3.23 -9.33 -7.39
C GLN A 172 4.58 -8.97 -8.02
N HIS A 173 4.62 -7.89 -8.79
CA HIS A 173 5.86 -7.59 -9.53
C HIS A 173 6.77 -6.66 -8.73
N GLY A 174 6.26 -5.51 -8.31
CA GLY A 174 7.09 -4.52 -7.63
C GLY A 174 7.65 -5.00 -6.29
N THR A 175 6.94 -5.93 -5.64
CA THR A 175 7.37 -6.36 -4.31
C THR A 175 7.86 -7.81 -4.32
N LEU A 176 6.99 -8.76 -4.66
CA LEU A 176 7.30 -10.18 -4.59
C LEU A 176 8.33 -10.64 -5.63
N HIS A 177 8.05 -10.37 -6.89
CA HIS A 177 9.01 -10.69 -7.96
C HIS A 177 10.33 -10.00 -7.68
N PHE A 178 10.27 -8.79 -7.17
CA PHE A 178 11.47 -8.00 -6.97
C PHE A 178 12.42 -8.66 -5.99
N CYS A 179 11.85 -9.39 -5.04
CA CYS A 179 12.63 -10.05 -4.02
C CYS A 179 13.06 -11.45 -4.44
N GLY A 180 12.60 -11.90 -5.60
CA GLY A 180 13.05 -13.17 -6.14
C GLY A 180 12.04 -14.28 -6.03
N PHE A 181 10.85 -13.97 -5.54
CA PHE A 181 9.79 -14.95 -5.44
C PHE A 181 9.35 -15.40 -6.82
N LYS A 182 9.02 -16.68 -6.94
CA LYS A 182 8.19 -17.13 -8.03
C LYS A 182 6.79 -16.87 -7.53
N VAL A 183 5.95 -16.29 -8.38
CA VAL A 183 4.61 -15.88 -7.98
C VAL A 183 3.56 -16.84 -8.49
N LEU A 184 2.86 -17.50 -7.57
CA LEU A 184 1.74 -18.34 -7.94
C LEU A 184 0.52 -17.49 -8.26
N ALA A 185 -0.33 -18.00 -9.14
CA ALA A 185 -1.54 -17.28 -9.54
C ALA A 185 -2.30 -16.79 -8.33
N PRO A 186 -2.80 -15.55 -8.38
CA PRO A 186 -3.54 -15.05 -7.23
C PRO A 186 -4.78 -15.88 -6.97
N GLN A 187 -5.16 -15.96 -5.71
CA GLN A 187 -6.47 -16.45 -5.35
C GLN A 187 -7.34 -15.24 -5.03
N ILE A 188 -8.33 -14.95 -5.88
CA ILE A 188 -9.19 -13.81 -5.63
C ILE A 188 -10.61 -14.27 -5.34
N SER A 189 -11.04 -14.05 -4.10
CA SER A 189 -12.40 -14.36 -3.69
C SER A 189 -13.21 -13.10 -3.79
N PHE A 190 -13.97 -12.99 -4.87
CA PHE A 190 -14.74 -11.79 -5.15
C PHE A 190 -16.00 -11.69 -4.31
N ALA A 191 -16.10 -10.58 -3.58
CA ALA A 191 -17.35 -10.08 -2.99
C ALA A 191 -18.10 -11.06 -2.08
N PRO A 192 -17.40 -11.63 -1.09
CA PRO A 192 -18.06 -12.50 -0.11
C PRO A 192 -19.25 -11.85 0.59
N GLU A 193 -19.14 -10.57 0.95
CA GLU A 193 -20.17 -9.92 1.76
C GLU A 193 -21.55 -9.94 1.09
N ILE A 194 -21.58 -9.94 -0.23
CA ILE A 194 -22.86 -9.89 -0.96
C ILE A 194 -23.23 -11.24 -1.53
N ALA A 195 -22.46 -12.28 -1.20
CA ALA A 195 -22.66 -13.59 -1.78
C ALA A 195 -23.53 -14.44 -0.85
N SER A 196 -24.08 -15.52 -1.41
CA SER A 196 -24.81 -16.51 -0.62
C SER A 196 -23.85 -17.47 0.08
N GLU A 197 -24.42 -18.44 0.80
CA GLU A 197 -23.62 -19.51 1.40
C GLU A 197 -23.10 -20.46 0.35
N GLU A 198 -23.94 -20.79 -0.61
CA GLU A 198 -23.58 -21.71 -1.68
C GLU A 198 -22.36 -21.18 -2.43
N GLU A 199 -22.35 -19.86 -2.69
CA GLU A 199 -21.26 -19.24 -3.41
C GLU A 199 -20.05 -19.09 -2.50
N ARG A 200 -20.29 -18.67 -1.26
CA ARG A 200 -19.23 -18.48 -0.28
C ARG A 200 -18.49 -19.79 0.00
N LYS A 201 -19.26 -20.80 0.41
CA LYS A 201 -18.71 -22.13 0.60
C LYS A 201 -17.96 -22.55 -0.65
N GLY A 202 -18.58 -22.31 -1.78
CA GLY A 202 -17.95 -22.58 -3.06
C GLY A 202 -16.56 -21.97 -3.15
N MET A 203 -16.44 -20.73 -2.67
CA MET A 203 -15.17 -20.02 -2.78
C MET A 203 -14.15 -20.57 -1.79
N VAL A 204 -14.59 -20.87 -0.58
CA VAL A 204 -13.75 -21.53 0.39
C VAL A 204 -13.29 -22.92 -0.08
N ALA A 205 -14.20 -23.66 -0.72
CA ALA A 205 -13.88 -24.99 -1.21
C ALA A 205 -12.89 -24.93 -2.36
N ALA A 206 -13.06 -23.94 -3.24
CA ALA A 206 -12.14 -23.78 -4.37
C ALA A 206 -10.73 -23.65 -3.82
N TRP A 207 -10.62 -22.80 -2.81
CA TRP A 207 -9.37 -22.53 -2.13
C TRP A 207 -8.81 -23.79 -1.49
N SER A 208 -9.62 -24.47 -0.68
CA SER A 208 -9.20 -25.73 -0.06
C SER A 208 -8.81 -26.72 -1.14
N GLN A 209 -9.70 -26.91 -2.12
CA GLN A 209 -9.42 -27.78 -3.25
C GLN A 209 -8.17 -27.38 -4.01
N ARG A 210 -7.97 -26.08 -4.26
CA ARG A 210 -6.74 -25.66 -4.94
C ARG A 210 -5.50 -26.01 -4.11
N LEU A 211 -5.59 -25.82 -2.80
CA LEU A 211 -4.44 -26.08 -1.94
C LEU A 211 -3.98 -27.54 -1.99
N GLN A 212 -4.92 -28.45 -2.29
CA GLN A 212 -4.57 -29.87 -2.44
C GLN A 212 -3.45 -30.13 -3.44
N THR A 213 -3.36 -29.31 -4.49
CA THR A 213 -2.36 -29.53 -5.54
C THR A 213 -1.45 -28.31 -5.76
N ILE A 214 -1.32 -27.48 -4.74
CA ILE A 214 -0.60 -26.22 -4.83
C ILE A 214 0.86 -26.46 -5.21
N TRP A 215 1.43 -27.56 -4.73
CA TRP A 215 2.83 -27.87 -4.96
C TRP A 215 3.11 -28.33 -6.40
N LYS A 216 2.05 -28.58 -7.17
CA LYS A 216 2.21 -29.03 -8.55
C LYS A 216 2.10 -27.87 -9.51
N GLU A 217 1.80 -26.68 -8.97
CA GLU A 217 1.48 -25.53 -9.81
C GLU A 217 2.70 -24.93 -10.47
N GLU A 218 2.44 -24.31 -11.63
CA GLU A 218 3.41 -23.47 -12.30
C GLU A 218 3.16 -22.02 -11.88
N PRO A 219 4.24 -21.30 -11.59
CA PRO A 219 4.18 -19.85 -11.35
C PRO A 219 3.66 -19.12 -12.59
N ILE A 220 3.13 -17.91 -12.39
CA ILE A 220 2.79 -17.08 -13.53
C ILE A 220 4.05 -16.45 -14.08
N PRO A 221 4.00 -16.06 -15.36
CA PRO A 221 5.09 -15.24 -15.91
C PRO A 221 4.88 -13.81 -15.40
N CYS A 222 5.61 -13.42 -14.36
CA CYS A 222 5.29 -12.17 -13.69
C CYS A 222 5.81 -11.00 -14.51
N THR A 223 5.07 -10.66 -15.56
CA THR A 223 5.53 -9.69 -16.53
C THR A 223 4.50 -8.59 -16.73
N ALA A 224 4.96 -7.48 -17.29
CA ALA A 224 4.07 -6.40 -17.70
C ALA A 224 2.97 -6.97 -18.59
N HIS A 225 3.37 -7.84 -19.52
CA HIS A 225 2.41 -8.41 -20.46
C HIS A 225 1.34 -9.24 -19.74
N TRP A 226 1.74 -10.05 -18.75
CA TRP A 226 0.76 -10.81 -17.99
C TRP A 226 -0.24 -9.87 -17.32
N HIS A 227 0.27 -8.77 -16.76
CA HIS A 227 -0.58 -7.86 -15.98
C HIS A 227 -1.43 -6.95 -16.88
N PHE A 228 -0.84 -6.44 -17.96
CA PHE A 228 -1.51 -5.36 -18.69
C PHE A 228 -1.95 -5.68 -20.12
N GLY A 229 -1.44 -6.77 -20.68
CA GLY A 229 -1.73 -7.13 -22.08
C GLY A 229 -3.04 -7.84 -22.39
N GLN A 230 -3.11 -8.39 -23.60
CA GLN A 230 -4.25 -9.19 -24.11
C GLN A 230 -5.40 -8.35 -24.66
N ALA B 1 -7.90 33.28 -5.73
CA ALA B 1 -7.56 34.10 -4.57
C ALA B 1 -7.35 33.26 -3.30
N GLY B 2 -8.43 32.67 -2.79
CA GLY B 2 -8.40 32.03 -1.48
C GLY B 2 -8.37 30.50 -1.45
N LYS B 3 -7.31 29.90 -1.98
CA LYS B 3 -7.18 28.44 -2.03
C LYS B 3 -6.62 27.82 -0.75
N LYS B 4 -7.17 26.67 -0.36
CA LYS B 4 -6.68 25.95 0.81
C LYS B 4 -6.01 24.66 0.37
N VAL B 5 -4.80 24.43 0.89
CA VAL B 5 -4.02 23.24 0.60
C VAL B 5 -3.69 22.39 1.84
N LEU B 6 -3.86 21.08 1.71
CA LEU B 6 -3.37 20.13 2.69
C LEU B 6 -2.26 19.32 2.07
N ILE B 7 -1.13 19.30 2.74
CA ILE B 7 -0.04 18.42 2.37
C ILE B 7 0.00 17.27 3.37
N VAL B 8 -0.18 16.05 2.90
CA VAL B 8 -0.03 14.87 3.73
C VAL B 8 1.37 14.32 3.45
N TYR B 9 2.23 14.41 4.45
CA TYR B 9 3.67 14.25 4.29
C TYR B 9 4.18 13.04 5.06
N ALA B 10 4.96 12.18 4.40
CA ALA B 10 5.35 10.90 4.98
C ALA B 10 6.83 10.60 4.80
N HIS B 11 7.65 11.26 5.62
CA HIS B 11 9.07 10.99 5.68
C HIS B 11 9.57 11.23 7.11
N GLN B 12 10.49 10.40 7.57
CA GLN B 12 10.93 10.42 8.97
C GLN B 12 11.92 11.56 9.28
N GLU B 13 12.49 12.16 8.23
CA GLU B 13 13.68 12.97 8.38
C GLU B 13 13.53 14.33 7.72
N PRO B 14 13.45 15.38 8.54
CA PRO B 14 13.23 16.75 8.06
C PRO B 14 14.30 17.18 7.05
N LYS B 15 15.49 16.61 7.10
CA LYS B 15 16.57 17.06 6.22
C LYS B 15 16.56 16.30 4.90
N SER B 16 15.60 15.42 4.74
CA SER B 16 15.49 14.59 3.56
C SER B 16 15.06 15.39 2.33
N PHE B 17 15.25 14.78 1.16
CA PHE B 17 14.79 15.32 -0.10
C PHE B 17 13.26 15.52 -0.06
N ASN B 18 12.55 14.56 0.52
CA ASN B 18 11.11 14.71 0.69
C ASN B 18 10.79 15.91 1.56
N GLY B 19 11.54 16.07 2.64
CA GLY B 19 11.40 17.22 3.50
C GLY B 19 11.54 18.52 2.73
N SER B 20 12.55 18.60 1.85
CA SER B 20 12.78 19.80 1.05
C SER B 20 11.64 20.07 0.07
N LEU B 21 11.13 19.00 -0.54
CA LEU B 21 10.04 19.15 -1.49
C LEU B 21 8.79 19.60 -0.76
N LYS B 22 8.63 19.12 0.48
CA LYS B 22 7.49 19.54 1.28
C LYS B 22 7.68 21.00 1.72
N ASN B 23 8.89 21.37 2.10
CA ASN B 23 9.12 22.75 2.53
C ASN B 23 9.02 23.75 1.39
N VAL B 24 9.48 23.41 0.19
CA VAL B 24 9.34 24.35 -0.92
C VAL B 24 7.88 24.49 -1.30
N ALA B 25 7.09 23.43 -1.15
CA ALA B 25 5.66 23.55 -1.39
C ALA B 25 5.06 24.56 -0.41
N VAL B 26 5.34 24.41 0.88
CA VAL B 26 4.78 25.30 1.89
C VAL B 26 5.26 26.72 1.58
N ASP B 27 6.55 26.88 1.30
CA ASP B 27 7.14 28.20 0.98
C ASP B 27 6.39 28.87 -0.17
N GLU B 28 6.22 28.13 -1.27
CA GLU B 28 5.68 28.71 -2.51
C GLU B 28 4.15 28.91 -2.43
N LEU B 29 3.43 27.96 -1.88
CA LEU B 29 1.99 28.12 -1.70
C LEU B 29 1.70 29.23 -0.69
N SER B 30 2.51 29.30 0.37
CA SER B 30 2.38 30.37 1.35
C SER B 30 2.69 31.73 0.69
N ARG B 31 3.73 31.78 -0.13
CA ARG B 31 4.11 32.98 -0.86
C ARG B 31 2.93 33.49 -1.68
N GLN B 32 2.20 32.57 -2.29
CA GLN B 32 1.07 32.93 -3.15
C GLN B 32 -0.12 33.46 -2.37
N GLY B 33 -0.11 33.27 -1.05
CA GLY B 33 -1.23 33.68 -0.24
C GLY B 33 -2.20 32.57 0.05
N CYS B 34 -1.86 31.34 -0.32
CA CYS B 34 -2.71 30.19 -0.03
C CYS B 34 -2.70 29.86 1.46
N THR B 35 -3.81 29.32 1.91
CA THR B 35 -3.90 28.71 3.23
C THR B 35 -3.27 27.31 3.17
N VAL B 36 -2.31 27.05 4.05
CA VAL B 36 -1.54 25.81 4.00
C VAL B 36 -1.51 25.09 5.34
N THR B 37 -1.77 23.78 5.27
CA THR B 37 -1.77 22.88 6.41
C THR B 37 -0.94 21.63 6.07
N VAL B 38 -0.13 21.14 7.00
CA VAL B 38 0.67 19.94 6.77
C VAL B 38 0.36 18.89 7.81
N SER B 39 0.01 17.68 7.38
CA SER B 39 -0.03 16.55 8.29
C SER B 39 1.29 15.79 8.16
N ASP B 40 2.15 15.97 9.15
CA ASP B 40 3.45 15.30 9.19
C ASP B 40 3.29 13.95 9.91
N LEU B 41 2.99 12.92 9.15
CA LEU B 41 2.50 11.66 9.74
C LEU B 41 3.44 11.01 10.76
N TYR B 42 4.73 10.91 10.45
CA TYR B 42 5.68 10.29 11.38
C TYR B 42 5.80 11.14 12.64
N ALA B 43 5.82 12.45 12.46
CA ALA B 43 5.94 13.36 13.59
C ALA B 43 4.71 13.25 14.48
N MET B 44 3.55 13.03 13.87
CA MET B 44 2.32 12.86 14.60
C MET B 44 2.19 11.44 15.21
N ASN B 45 3.15 10.56 14.91
CA ASN B 45 3.03 9.14 15.23
C ASN B 45 1.67 8.59 14.78
N PHE B 46 1.24 9.01 13.60
CA PHE B 46 -0.06 8.63 13.07
C PHE B 46 -0.31 7.11 13.10
N GLU B 47 -1.45 6.71 13.64
CA GLU B 47 -1.84 5.31 13.75
C GLU B 47 -2.25 4.72 12.39
N PRO B 48 -1.50 3.72 11.88
CA PRO B 48 -1.84 3.16 10.56
C PRO B 48 -2.85 2.01 10.58
N ARG B 49 -3.00 1.33 11.71
CA ARG B 49 -3.78 0.11 11.76
C ARG B 49 -5.26 0.42 11.83
N ALA B 50 -6.02 -0.27 11.00
CA ALA B 50 -7.47 -0.24 11.06
C ALA B 50 -7.92 -1.24 12.13
N THR B 51 -8.30 -0.74 13.31
CA THR B 51 -8.73 -1.62 14.40
C THR B 51 -10.03 -1.13 15.02
N ASP B 52 -10.59 -1.94 15.92
CA ASP B 52 -11.83 -1.59 16.58
C ASP B 52 -11.67 -0.43 17.56
N LYS B 53 -10.43 -0.01 17.81
CA LYS B 53 -10.18 1.22 18.57
C LYS B 53 -10.59 2.48 17.82
N ASP B 54 -10.83 2.36 16.52
CA ASP B 54 -11.22 3.51 15.70
C ASP B 54 -12.68 3.87 15.88
N ILE B 55 -13.42 3.00 16.57
CA ILE B 55 -14.81 3.26 16.90
C ILE B 55 -15.00 3.27 18.41
N THR B 56 -15.57 4.34 18.95
CA THR B 56 -15.70 4.44 20.39
C THR B 56 -17.12 4.16 20.89
N GLY B 57 -18.08 4.09 19.97
CA GLY B 57 -19.46 3.85 20.37
C GLY B 57 -19.85 2.38 20.43
N THR B 58 -21.13 2.14 20.71
CA THR B 58 -21.69 0.80 20.59
C THR B 58 -21.54 0.30 19.16
N LEU B 59 -20.91 -0.86 19.00
CA LEU B 59 -20.75 -1.46 17.66
C LEU B 59 -22.08 -1.97 17.10
N SER B 60 -22.25 -1.86 15.80
CA SER B 60 -23.45 -2.33 15.16
C SER B 60 -23.54 -3.86 15.22
N ASN B 61 -22.39 -4.52 15.13
CA ASN B 61 -22.33 -5.96 15.36
C ASN B 61 -21.13 -6.32 16.22
N PRO B 62 -21.33 -6.34 17.54
CA PRO B 62 -20.19 -6.55 18.44
C PRO B 62 -19.60 -7.97 18.37
N GLU B 63 -20.30 -8.91 17.73
CA GLU B 63 -19.87 -10.31 17.71
C GLU B 63 -18.91 -10.66 16.56
N VAL B 64 -19.09 -9.97 15.44
CA VAL B 64 -18.22 -10.15 14.29
C VAL B 64 -17.82 -8.77 13.81
N PHE B 65 -16.55 -8.41 13.97
CA PHE B 65 -16.12 -7.05 13.71
C PHE B 65 -15.84 -6.85 12.23
N ASN B 66 -16.60 -5.95 11.62
CA ASN B 66 -16.45 -5.60 10.20
C ASN B 66 -16.03 -4.13 10.09
N TYR B 67 -14.75 -3.89 9.79
CA TYR B 67 -14.18 -2.56 9.88
C TYR B 67 -14.96 -1.54 9.03
N GLY B 68 -15.25 -1.90 7.78
CA GLY B 68 -15.94 -0.99 6.87
C GLY B 68 -17.35 -0.64 7.34
N VAL B 69 -18.09 -1.64 7.82
CA VAL B 69 -19.43 -1.41 8.35
C VAL B 69 -19.36 -0.53 9.62
N GLU B 70 -18.49 -0.90 10.54
CA GLU B 70 -18.45 -0.20 11.83
C GLU B 70 -17.98 1.23 11.69
N THR B 71 -16.99 1.48 10.83
CA THR B 71 -16.54 2.85 10.63
C THR B 71 -17.54 3.72 9.85
N HIS B 72 -18.30 3.13 8.93
CA HIS B 72 -19.34 3.85 8.21
C HIS B 72 -20.40 4.37 9.18
N GLU B 73 -20.88 3.46 10.04
CA GLU B 73 -21.88 3.79 11.04
C GLU B 73 -21.32 4.79 12.06
N ALA B 74 -20.08 4.57 12.49
CA ALA B 74 -19.42 5.48 13.43
C ALA B 74 -19.27 6.88 12.86
N TYR B 75 -19.01 6.99 11.57
CA TYR B 75 -18.95 8.30 10.92
C TYR B 75 -20.32 8.98 11.01
N LYS B 76 -21.37 8.23 10.72
CA LYS B 76 -22.73 8.80 10.75
C LYS B 76 -23.07 9.26 12.17
N GLN B 77 -22.65 8.46 13.15
CA GLN B 77 -22.98 8.71 14.56
C GLN B 77 -22.06 9.71 15.22
N ARG B 78 -20.88 9.90 14.63
CA ARG B 78 -19.78 10.69 15.21
C ARG B 78 -19.10 9.98 16.38
N SER B 79 -18.81 8.69 16.21
CA SER B 79 -18.10 7.98 17.25
C SER B 79 -16.78 7.41 16.75
N LEU B 80 -16.23 8.05 15.72
CA LEU B 80 -14.91 7.70 15.19
C LEU B 80 -13.88 8.24 16.14
N ALA B 81 -12.73 7.58 16.20
CA ALA B 81 -11.59 8.12 16.94
C ALA B 81 -11.29 9.52 16.43
N SER B 82 -10.83 10.38 17.33
CA SER B 82 -10.65 11.78 17.00
C SER B 82 -9.46 12.05 16.08
N ASP B 83 -8.47 11.16 16.05
CA ASP B 83 -7.36 11.37 15.12
C ASP B 83 -7.88 11.27 13.68
N ILE B 84 -8.86 10.38 13.46
CA ILE B 84 -9.47 10.25 12.16
C ILE B 84 -10.28 11.49 11.75
N THR B 85 -11.09 11.99 12.66
CA THR B 85 -11.94 13.13 12.31
C THR B 85 -11.10 14.41 12.18
N ASP B 86 -10.02 14.53 12.95
CA ASP B 86 -9.08 15.64 12.75
C ASP B 86 -8.58 15.74 11.29
N GLU B 87 -8.22 14.59 10.71
CA GLU B 87 -7.77 14.53 9.33
C GLU B 87 -8.90 14.84 8.35
N GLN B 88 -10.07 14.30 8.63
CA GLN B 88 -11.22 14.52 7.76
C GLN B 88 -11.55 16.00 7.68
N LYS B 89 -11.39 16.71 8.79
CA LYS B 89 -11.64 18.14 8.79
C LYS B 89 -10.65 18.88 7.88
N LYS B 90 -9.40 18.44 7.88
CA LYS B 90 -8.39 19.04 7.01
C LYS B 90 -8.72 18.80 5.54
N VAL B 91 -9.15 17.59 5.23
CA VAL B 91 -9.50 17.23 3.86
C VAL B 91 -10.74 18.01 3.41
N ARG B 92 -11.76 18.02 4.24
CA ARG B 92 -12.99 18.73 3.91
C ARG B 92 -12.72 20.20 3.56
N GLU B 93 -11.80 20.83 4.29
CA GLU B 93 -11.52 22.24 4.05
C GLU B 93 -10.56 22.47 2.88
N ALA B 94 -9.81 21.44 2.48
CA ALA B 94 -8.82 21.61 1.40
C ALA B 94 -9.45 21.72 0.00
N ASP B 95 -8.87 22.56 -0.85
CA ASP B 95 -9.22 22.58 -2.27
C ASP B 95 -8.28 21.66 -3.05
N LEU B 96 -7.07 21.51 -2.52
CA LEU B 96 -6.03 20.67 -3.11
C LEU B 96 -5.36 19.84 -2.02
N VAL B 97 -5.19 18.53 -2.26
CA VAL B 97 -4.47 17.70 -1.33
C VAL B 97 -3.22 17.16 -2.04
N ILE B 98 -2.06 17.48 -1.50
CA ILE B 98 -0.80 17.00 -2.04
C ILE B 98 -0.29 15.91 -1.11
N PHE B 99 0.14 14.81 -1.71
CA PHE B 99 0.74 13.70 -0.96
C PHE B 99 2.23 13.70 -1.27
N GLN B 100 3.06 13.85 -0.24
CA GLN B 100 4.50 13.92 -0.42
C GLN B 100 5.13 12.71 0.26
N PHE B 101 5.76 11.83 -0.53
CA PHE B 101 6.27 10.58 0.02
C PHE B 101 7.31 9.92 -0.87
N PRO B 102 8.21 9.15 -0.25
CA PRO B 102 9.07 8.26 -1.03
C PRO B 102 8.32 6.98 -1.44
N LEU B 103 8.57 6.51 -2.66
CA LEU B 103 7.98 5.27 -3.11
C LEU B 103 8.52 4.11 -2.28
N TYR B 104 7.60 3.38 -1.65
CA TYR B 104 7.93 2.18 -0.87
C TYR B 104 7.19 1.02 -1.50
N TRP B 105 7.90 0.08 -2.10
CA TRP B 105 7.28 -1.07 -2.74
C TRP B 105 6.18 -0.70 -3.75
N PHE B 106 6.51 0.20 -4.67
CA PHE B 106 5.63 0.59 -5.77
C PHE B 106 4.37 1.25 -5.21
N SER B 107 4.46 1.81 -4.02
CA SER B 107 3.28 2.35 -3.36
C SER B 107 3.69 3.40 -2.32
N VAL B 108 2.74 3.76 -1.46
CA VAL B 108 3.01 4.68 -0.37
C VAL B 108 3.57 3.91 0.83
N PRO B 109 4.38 4.58 1.66
CA PRO B 109 4.77 4.02 2.96
C PRO B 109 3.55 3.66 3.78
N ALA B 110 3.67 2.58 4.57
CA ALA B 110 2.54 2.08 5.36
C ALA B 110 1.85 3.14 6.23
N ILE B 111 2.60 4.07 6.80
CA ILE B 111 1.97 5.06 7.66
C ILE B 111 1.03 5.93 6.83
N LEU B 112 1.39 6.21 5.58
CA LEU B 112 0.47 6.92 4.67
C LEU B 112 -0.68 6.02 4.18
N LYS B 113 -0.39 4.75 3.94
CA LYS B 113 -1.45 3.83 3.52
C LYS B 113 -2.53 3.79 4.61
N GLY B 114 -2.09 3.90 5.87
CA GLY B 114 -3.01 3.83 7.00
C GLY B 114 -3.87 5.07 7.07
N TRP B 115 -3.27 6.21 6.73
CA TRP B 115 -4.03 7.45 6.57
C TRP B 115 -5.16 7.25 5.55
N MET B 116 -4.80 6.69 4.40
N MET B 116 -4.83 6.67 4.40
CA MET B 116 -5.78 6.32 3.38
CA MET B 116 -5.86 6.41 3.40
C MET B 116 -6.88 5.45 3.97
C MET B 116 -6.90 5.39 3.89
N ASP B 117 -6.46 4.35 4.60
CA ASP B 117 -7.38 3.31 5.03
C ASP B 117 -8.37 3.84 6.06
N ARG B 118 -7.87 4.68 6.95
CA ARG B 118 -8.62 5.08 8.14
C ARG B 118 -9.38 6.39 7.93
N VAL B 119 -8.81 7.29 7.15
CA VAL B 119 -9.39 8.62 7.00
C VAL B 119 -10.50 8.63 5.93
N LEU B 120 -10.29 7.89 4.85
CA LEU B 120 -11.27 7.91 3.75
C LEU B 120 -12.36 6.86 3.93
N CYS B 121 -13.13 6.98 5.02
CA CYS B 121 -14.17 6.01 5.30
C CYS B 121 -15.46 6.29 4.51
N GLN B 122 -16.29 5.26 4.44
CA GLN B 122 -17.58 5.39 3.79
C GLN B 122 -18.38 6.42 4.59
N GLY B 123 -19.14 7.24 3.88
CA GLY B 123 -19.88 8.33 4.50
C GLY B 123 -19.10 9.62 4.39
N PHE B 124 -17.79 9.55 4.51
CA PHE B 124 -17.00 10.76 4.41
C PHE B 124 -16.42 10.94 3.01
N ALA B 125 -15.70 9.93 2.53
CA ALA B 125 -14.95 10.05 1.27
C ALA B 125 -15.77 9.53 0.07
N PHE B 126 -16.68 8.60 0.35
CA PHE B 126 -17.44 7.94 -0.69
C PHE B 126 -18.69 7.34 -0.08
N ASP B 127 -19.65 7.00 -0.94
CA ASP B 127 -20.85 6.29 -0.53
C ASP B 127 -21.12 5.21 -1.58
N ILE B 128 -22.07 4.33 -1.28
CA ILE B 128 -22.57 3.36 -2.25
C ILE B 128 -24.06 3.54 -2.47
N PRO B 129 -24.46 4.19 -3.57
CA PRO B 129 -23.56 4.73 -4.59
C PRO B 129 -22.97 6.06 -4.16
N GLY B 130 -22.02 6.55 -4.95
CA GLY B 130 -21.35 7.80 -4.66
C GLY B 130 -19.84 7.61 -4.67
N PHE B 131 -19.31 7.19 -5.83
CA PHE B 131 -17.89 6.99 -5.98
C PHE B 131 -17.47 7.26 -7.42
N TYR B 132 -16.15 7.23 -7.63
CA TYR B 132 -15.56 7.71 -8.86
C TYR B 132 -16.10 9.11 -9.13
N ASP B 133 -16.69 9.37 -10.29
CA ASP B 133 -17.07 10.76 -10.58
C ASP B 133 -18.18 11.24 -9.62
N SER B 134 -18.81 10.30 -8.93
CA SER B 134 -19.82 10.66 -7.94
C SER B 134 -19.28 10.64 -6.51
N GLY B 135 -17.97 10.47 -6.36
CA GLY B 135 -17.34 10.46 -5.03
C GLY B 135 -17.65 11.71 -4.22
N LEU B 136 -17.62 11.60 -2.90
CA LEU B 136 -18.01 12.71 -2.01
C LEU B 136 -16.97 13.84 -1.94
N LEU B 137 -15.73 13.57 -2.34
CA LEU B 137 -14.72 14.61 -2.36
C LEU B 137 -14.63 15.27 -3.76
N GLN B 138 -15.68 15.10 -4.56
CA GLN B 138 -15.71 15.79 -5.85
C GLN B 138 -15.55 17.31 -5.66
N GLY B 139 -14.90 17.96 -6.61
CA GLY B 139 -14.64 19.38 -6.50
C GLY B 139 -13.25 19.66 -5.96
N LYS B 140 -12.62 18.64 -5.40
CA LYS B 140 -11.29 18.77 -4.85
C LYS B 140 -10.24 18.22 -5.79
N LEU B 141 -9.03 18.75 -5.67
CA LEU B 141 -7.89 18.26 -6.43
C LEU B 141 -6.92 17.48 -5.53
N ALA B 142 -6.25 16.51 -6.12
CA ALA B 142 -5.25 15.74 -5.43
C ALA B 142 -4.04 15.56 -6.35
N LEU B 143 -2.87 15.43 -5.75
CA LEU B 143 -1.63 15.33 -6.50
C LEU B 143 -0.63 14.48 -5.72
N LEU B 144 -0.05 13.47 -6.37
CA LEU B 144 1.02 12.67 -5.80
C LEU B 144 2.40 13.26 -6.16
N SER B 145 3.15 13.64 -5.14
CA SER B 145 4.55 14.04 -5.30
C SER B 145 5.44 12.94 -4.73
N VAL B 146 6.00 12.15 -5.64
CA VAL B 146 6.68 10.91 -5.31
C VAL B 146 8.16 11.02 -5.58
N THR B 147 8.97 10.45 -4.70
CA THR B 147 10.40 10.30 -4.95
C THR B 147 10.72 8.82 -5.08
N THR B 148 11.71 8.46 -5.91
CA THR B 148 12.10 7.06 -6.07
C THR B 148 13.58 6.79 -5.84
N GLY B 149 13.91 5.54 -5.54
CA GLY B 149 15.28 5.07 -5.65
C GLY B 149 15.65 4.81 -7.10
N GLY B 150 14.72 4.23 -7.86
CA GLY B 150 14.90 3.95 -9.27
C GLY B 150 14.98 5.15 -10.21
N THR B 151 15.81 5.03 -11.25
CA THR B 151 15.93 6.10 -12.24
C THR B 151 14.70 6.12 -13.15
N ALA B 152 14.54 7.20 -13.91
CA ALA B 152 13.44 7.31 -14.85
C ALA B 152 13.48 6.20 -15.90
N GLU B 153 14.68 5.84 -16.36
CA GLU B 153 14.82 4.79 -17.37
C GLU B 153 14.34 3.44 -16.84
N MET B 154 14.67 3.14 -15.59
CA MET B 154 14.18 1.91 -14.97
C MET B 154 12.64 1.89 -14.99
N TYR B 155 12.02 3.05 -14.86
CA TYR B 155 10.56 3.15 -14.86
C TYR B 155 10.00 3.55 -16.21
N THR B 156 10.33 2.77 -17.23
CA THR B 156 9.73 2.95 -18.55
C THR B 156 9.16 1.62 -19.00
N LYS B 157 8.31 1.66 -20.02
CA LYS B 157 7.66 0.47 -20.53
C LYS B 157 8.65 -0.66 -20.74
N THR B 158 9.80 -0.37 -21.32
CA THR B 158 10.78 -1.42 -21.59
C THR B 158 11.84 -1.58 -20.51
N GLY B 159 11.80 -0.74 -19.47
CA GLY B 159 12.72 -0.86 -18.35
C GLY B 159 12.28 -1.95 -17.38
N VAL B 160 13.11 -2.25 -16.38
CA VAL B 160 12.83 -3.35 -15.46
C VAL B 160 11.55 -3.17 -14.63
N ASN B 161 11.26 -1.93 -14.23
CA ASN B 161 10.11 -1.70 -13.36
C ASN B 161 8.81 -1.46 -14.10
N GLY B 162 8.87 -1.36 -15.42
CA GLY B 162 7.70 -0.96 -16.19
C GLY B 162 7.47 0.54 -16.07
N ASP B 163 6.49 1.05 -16.79
CA ASP B 163 6.25 2.49 -16.78
C ASP B 163 5.86 2.99 -15.39
N SER B 164 6.30 4.18 -15.02
CA SER B 164 5.92 4.79 -13.75
C SER B 164 4.40 4.87 -13.55
N ARG B 165 3.66 5.08 -14.64
CA ARG B 165 2.22 5.27 -14.48
C ARG B 165 1.56 3.97 -14.00
N TYR B 166 2.20 2.84 -14.27
CA TYR B 166 1.62 1.55 -13.87
C TYR B 166 1.38 1.52 -12.36
N PHE B 167 2.35 1.99 -11.58
CA PHE B 167 2.22 1.85 -10.12
C PHE B 167 1.32 2.94 -9.53
N LEU B 168 0.93 3.90 -10.36
CA LEU B 168 0.08 5.00 -9.90
C LEU B 168 -1.38 4.58 -9.83
N TRP B 169 -1.74 3.56 -10.60
CA TRP B 169 -3.14 3.12 -10.72
C TRP B 169 -3.88 2.93 -9.38
N PRO B 170 -3.31 2.16 -8.44
CA PRO B 170 -4.07 1.93 -7.20
C PRO B 170 -4.27 3.20 -6.39
N LEU B 171 -3.35 4.14 -6.54
CA LEU B 171 -3.39 5.38 -5.78
C LEU B 171 -4.27 6.43 -6.47
N GLN B 172 -3.98 6.71 -7.74
CA GLN B 172 -4.73 7.76 -8.41
C GLN B 172 -6.16 7.31 -8.71
N HIS B 173 -6.32 6.10 -9.23
CA HIS B 173 -7.64 5.66 -9.64
C HIS B 173 -8.36 4.94 -8.52
N GLY B 174 -7.69 3.94 -7.92
CA GLY B 174 -8.33 3.09 -6.94
C GLY B 174 -8.69 3.86 -5.67
N THR B 175 -7.94 4.91 -5.36
CA THR B 175 -8.21 5.66 -4.15
C THR B 175 -8.76 7.07 -4.43
N LEU B 176 -7.95 7.95 -5.04
CA LEU B 176 -8.34 9.36 -5.14
C LEU B 176 -9.56 9.56 -6.05
N HIS B 177 -9.48 9.03 -7.27
CA HIS B 177 -10.58 9.11 -8.21
C HIS B 177 -11.83 8.47 -7.60
N PHE B 178 -11.66 7.33 -6.92
CA PHE B 178 -12.77 6.62 -6.32
C PHE B 178 -13.52 7.52 -5.33
N CYS B 179 -12.78 8.39 -4.66
CA CYS B 179 -13.36 9.30 -3.69
C CYS B 179 -13.86 10.58 -4.34
N GLY B 180 -13.64 10.71 -5.65
CA GLY B 180 -14.17 11.84 -6.37
C GLY B 180 -13.18 12.95 -6.64
N PHE B 181 -11.94 12.80 -6.19
CA PHE B 181 -10.90 13.76 -6.52
C PHE B 181 -10.71 13.87 -8.03
N LYS B 182 -10.44 15.08 -8.49
CA LYS B 182 -9.77 15.24 -9.77
C LYS B 182 -8.29 15.12 -9.48
N VAL B 183 -7.57 14.44 -10.36
CA VAL B 183 -6.18 14.12 -10.13
C VAL B 183 -5.28 14.95 -11.05
N LEU B 184 -4.43 15.79 -10.46
CA LEU B 184 -3.43 16.52 -11.23
C LEU B 184 -2.30 15.57 -11.56
N ALA B 185 -1.52 15.90 -12.59
CA ALA B 185 -0.40 15.04 -13.01
C ALA B 185 0.58 14.83 -11.86
N PRO B 186 1.12 13.61 -11.74
CA PRO B 186 2.06 13.31 -10.68
C PRO B 186 3.34 14.12 -10.82
N GLN B 187 3.93 14.45 -9.67
CA GLN B 187 5.26 14.97 -9.66
C GLN B 187 6.15 13.84 -9.24
N ILE B 188 6.97 13.32 -10.14
CA ILE B 188 7.91 12.28 -9.72
C ILE B 188 9.34 12.78 -9.83
N SER B 189 10.01 12.82 -8.69
CA SER B 189 11.42 13.19 -8.65
C SER B 189 12.26 11.91 -8.57
N PHE B 190 12.80 11.49 -9.71
CA PHE B 190 13.51 10.21 -9.79
C PHE B 190 14.91 10.25 -9.18
N ALA B 191 15.19 9.25 -8.34
CA ALA B 191 16.55 8.91 -7.94
C ALA B 191 17.41 10.06 -7.44
N PRO B 192 16.91 10.82 -6.46
CA PRO B 192 17.72 11.89 -5.88
C PRO B 192 18.99 11.41 -5.18
N GLU B 193 19.04 10.15 -4.76
CA GLU B 193 20.23 9.65 -4.06
C GLU B 193 21.37 9.49 -5.07
N ILE B 194 21.03 9.03 -6.26
CA ILE B 194 21.97 8.90 -7.37
C ILE B 194 22.35 10.24 -7.99
N ALA B 195 21.43 11.20 -7.92
CA ALA B 195 21.59 12.47 -8.63
C ALA B 195 22.75 13.29 -8.06
N SER B 196 23.33 14.14 -8.90
CA SER B 196 24.32 15.11 -8.43
C SER B 196 23.62 16.21 -7.65
N GLU B 197 24.40 16.94 -6.85
CA GLU B 197 23.88 18.03 -6.04
C GLU B 197 23.08 19.01 -6.89
N GLU B 198 23.56 19.26 -8.09
CA GLU B 198 22.93 20.22 -8.98
C GLU B 198 21.61 19.68 -9.51
N GLU B 199 21.60 18.40 -9.88
CA GLU B 199 20.39 17.75 -10.34
C GLU B 199 19.35 17.72 -9.22
N ARG B 200 19.81 17.56 -7.99
CA ARG B 200 18.90 17.56 -6.84
C ARG B 200 18.25 18.93 -6.66
N LYS B 201 19.08 19.96 -6.63
CA LYS B 201 18.60 21.34 -6.50
C LYS B 201 17.62 21.68 -7.61
N GLY B 202 17.92 21.19 -8.81
CA GLY B 202 17.09 21.45 -9.97
C GLY B 202 15.73 20.79 -9.85
N MET B 203 15.72 19.55 -9.35
CA MET B 203 14.46 18.82 -9.19
C MET B 203 13.56 19.53 -8.18
N VAL B 204 14.17 20.02 -7.11
CA VAL B 204 13.44 20.81 -6.12
C VAL B 204 12.86 22.07 -6.75
N ALA B 205 13.69 22.80 -7.50
CA ALA B 205 13.23 24.04 -8.11
C ALA B 205 12.22 23.80 -9.23
N ALA B 206 12.31 22.65 -9.90
CA ALA B 206 11.29 22.30 -10.90
C ALA B 206 9.91 22.18 -10.25
N TRP B 207 9.87 21.69 -9.01
CA TRP B 207 8.64 21.51 -8.24
C TRP B 207 8.09 22.84 -7.81
N SER B 208 8.95 23.63 -7.17
CA SER B 208 8.63 25.01 -6.81
C SER B 208 8.10 25.76 -8.02
N GLN B 209 8.81 25.63 -9.14
CA GLN B 209 8.42 26.29 -10.37
C GLN B 209 7.04 25.86 -10.82
N ARG B 210 6.79 24.55 -10.82
CA ARG B 210 5.47 24.05 -11.24
C ARG B 210 4.36 24.61 -10.35
N LEU B 211 4.64 24.65 -9.05
CA LEU B 211 3.66 25.12 -8.06
C LEU B 211 3.21 26.56 -8.32
N GLN B 212 4.08 27.37 -8.92
CA GLN B 212 3.70 28.74 -9.26
C GLN B 212 2.44 28.80 -10.13
N THR B 213 2.27 27.82 -11.00
CA THR B 213 1.08 27.79 -11.87
C THR B 213 0.19 26.56 -11.68
N ILE B 214 0.24 25.94 -10.49
CA ILE B 214 -0.57 24.74 -10.21
C ILE B 214 -2.07 25.00 -10.40
N TRP B 215 -2.50 26.21 -10.08
CA TRP B 215 -3.93 26.50 -10.08
C TRP B 215 -4.46 26.67 -11.50
N LYS B 216 -3.56 26.78 -12.48
CA LYS B 216 -3.96 26.85 -13.89
C LYS B 216 -4.06 25.48 -14.55
N GLU B 217 -3.65 24.44 -13.84
CA GLU B 217 -3.57 23.10 -14.42
C GLU B 217 -4.94 22.45 -14.56
N GLU B 218 -5.10 21.66 -15.63
CA GLU B 218 -6.19 20.71 -15.76
C GLU B 218 -5.78 19.36 -15.18
N PRO B 219 -6.76 18.58 -14.69
CA PRO B 219 -6.44 17.22 -14.22
C PRO B 219 -6.11 16.26 -15.37
N ILE B 220 -5.59 15.09 -15.04
CA ILE B 220 -5.38 14.06 -16.03
C ILE B 220 -6.71 13.38 -16.26
N PRO B 221 -6.83 12.66 -17.37
CA PRO B 221 -7.97 11.76 -17.48
C PRO B 221 -7.59 10.47 -16.74
N CYS B 222 -8.18 10.25 -15.57
CA CYS B 222 -7.74 9.15 -14.71
C CYS B 222 -8.44 7.85 -15.13
N THR B 223 -7.91 7.26 -16.19
CA THR B 223 -8.56 6.16 -16.88
C THR B 223 -7.51 5.09 -17.10
N ALA B 224 -7.95 3.88 -17.39
CA ALA B 224 -7.05 2.79 -17.72
C ALA B 224 -6.12 3.19 -18.88
N HIS B 225 -6.68 3.82 -19.91
CA HIS B 225 -5.86 4.20 -21.07
C HIS B 225 -4.70 5.10 -20.66
N TRP B 226 -4.96 6.09 -19.81
CA TRP B 226 -3.91 7.01 -19.38
C TRP B 226 -2.78 6.25 -18.67
N HIS B 227 -3.16 5.32 -17.80
CA HIS B 227 -2.18 4.60 -17.00
C HIS B 227 -1.43 3.55 -17.83
N PHE B 228 -2.14 2.87 -18.71
CA PHE B 228 -1.60 1.67 -19.34
C PHE B 228 -1.39 1.75 -20.85
N GLY B 229 -2.05 2.69 -21.52
CA GLY B 229 -1.87 2.82 -22.96
C GLY B 229 -2.90 1.98 -23.70
N GLN B 230 -2.73 1.85 -25.00
CA GLN B 230 -3.77 1.27 -25.84
C GLN B 230 -3.87 -0.24 -25.69
#